data_9KKL
#
_entry.id   9KKL
#
_cell.length_a   1.00
_cell.length_b   1.00
_cell.length_c   1.00
_cell.angle_alpha   90.00
_cell.angle_beta   90.00
_cell.angle_gamma   90.00
#
_symmetry.space_group_name_H-M   'P 1'
#
loop_
_entity.id
_entity.type
_entity.pdbx_description
1 polymer 'Capsid protein'
2 branched alpha-L-fucopyranose-(1-2)-[2-acetamido-2-deoxy-alpha-D-galactopyranose-(1-3)]alpha-D-galactopyranose
#
_entity_poly.entity_id   1
_entity_poly.type   'polypeptide(L)'
_entity_poly.pdbx_seq_one_letter_code
;MESTTEVTGATGVVTNVAAAPLPEATSSMSLAPTVNSIDPWIFLNPTEVPGGTFTVASNTQPGTMLLDIEISPELNIFTA
HMFRMYAGWSGGFAIKLLVAGNAFSAGKLIVAIIPPNVQVPNSAYLLTGFPHEILDFRTADQVEIIAPDIKNLDYHFRGD
KLGRLVVMVYSPLRSTATDFEIEIKLLSAPLPDFKFTMLVPPVQNNALPIWQIPPTPPGAMVNPRSPLTPVVDLYINSSW
TTCNHQLGRYTIDGGAIGNSTFNPSGLWTGTFTAESGSVSGQTNWRIAMLDNPYNPTSDPTLPPVPRGFCDWGSGVKSGA
RQHLVCFTGVETDNGEGYKDVDAHMWDYGDDATIGLDNTYQRQIYISDPTALDSGKRYIIIPMGASGSATDDTLQISPNC
YGSWDYAPTIAPPLGEQIVWFRSYLPASSTSASSGVNSVSAHISSLMSPDLIRSAYVSGFPEGKAALLDYVLYGGSVVEQ
FKMYREGYLTANATGTNTGFIIPPDGYFRFNSWVSPTFVIGNVVDLSSSRSLTFH
;
_entity_poly.pdbx_strand_id   B,A
#
loop_
_chem_comp.id
_chem_comp.type
_chem_comp.name
_chem_comp.formula
A2G D-saccharide, alpha linking 2-acetamido-2-deoxy-alpha-D-galactopyranose 'C8 H15 N O6'
FUC L-saccharide, alpha linking alpha-L-fucopyranose 'C6 H12 O5'
GLA D-saccharide, alpha linking alpha-D-galactopyranose 'C6 H12 O6'
#
# COMPACT_ATOMS: atom_id res chain seq x y z
N PRO A 209 21.82 4.76 -27.43
CA PRO A 209 21.18 4.48 -26.15
C PRO A 209 19.65 4.48 -26.23
N ILE A 210 19.07 3.32 -26.49
CA ILE A 210 17.64 3.20 -26.66
C ILE A 210 16.97 2.96 -25.32
N TRP A 211 15.72 3.37 -25.22
CA TRP A 211 14.90 3.18 -24.02
C TRP A 211 13.72 2.28 -24.37
N GLN A 212 13.58 1.18 -23.64
CA GLN A 212 12.51 0.22 -23.87
C GLN A 212 11.56 0.23 -22.69
N ILE A 213 10.32 0.65 -22.93
CA ILE A 213 9.31 0.82 -21.89
C ILE A 213 8.38 -0.38 -21.91
N PRO A 214 8.25 -1.13 -20.81
CA PRO A 214 7.30 -2.24 -20.81
C PRO A 214 5.88 -1.72 -20.95
N PRO A 215 4.98 -2.51 -21.55
CA PRO A 215 3.58 -2.08 -21.77
C PRO A 215 2.69 -2.26 -20.54
N THR A 216 3.01 -1.53 -19.48
CA THR A 216 2.19 -1.56 -18.26
C THR A 216 1.19 -0.41 -18.29
N PRO A 217 -0.10 -0.66 -18.20
CA PRO A 217 -1.07 0.44 -18.22
C PRO A 217 -0.95 1.29 -16.98
N PRO A 218 -1.27 2.58 -17.07
CA PRO A 218 -1.22 3.44 -15.87
C PRO A 218 -2.23 3.04 -14.80
N GLY A 219 -3.24 2.24 -15.14
CA GLY A 219 -4.18 1.77 -14.13
C GLY A 219 -3.61 0.73 -13.20
N ALA A 220 -2.45 0.18 -13.52
CA ALA A 220 -1.77 -0.81 -12.68
C ALA A 220 -0.51 -0.23 -12.03
N MET A 221 -0.55 1.04 -11.63
CA MET A 221 0.58 1.69 -11.00
C MET A 221 0.17 2.25 -9.65
N VAL A 222 1.16 2.51 -8.79
CA VAL A 222 0.91 3.01 -7.45
C VAL A 222 0.83 4.52 -7.48
N ASN A 223 0.01 5.09 -6.59
CA ASN A 223 -0.10 6.53 -6.45
C ASN A 223 0.73 6.98 -5.24
N PRO A 224 1.85 7.65 -5.44
CA PRO A 224 2.73 7.99 -4.31
C PRO A 224 2.08 8.84 -3.24
N ARG A 225 1.21 9.77 -3.62
CA ARG A 225 0.62 10.69 -2.64
C ARG A 225 -0.55 10.08 -1.88
N SER A 226 -1.09 8.96 -2.34
CA SER A 226 -2.19 8.32 -1.62
C SER A 226 -2.35 6.86 -2.03
N PRO A 227 -1.56 5.95 -1.46
CA PRO A 227 -1.82 4.53 -1.68
C PRO A 227 -3.17 4.10 -1.14
N LEU A 228 -3.55 2.84 -1.36
CA LEU A 228 -4.82 2.23 -0.98
C LEU A 228 -5.97 2.73 -1.84
N THR A 229 -5.71 3.45 -2.92
CA THR A 229 -6.75 3.87 -3.87
C THR A 229 -6.13 3.96 -5.26
N PRO A 230 -6.60 3.16 -6.22
CA PRO A 230 -5.96 3.14 -7.54
C PRO A 230 -6.23 4.41 -8.33
N VAL A 231 -5.34 4.65 -9.30
CA VAL A 231 -5.49 5.81 -10.19
C VAL A 231 -6.56 5.51 -11.22
N VAL A 232 -7.41 6.50 -11.50
CA VAL A 232 -8.55 6.32 -12.39
C VAL A 232 -8.41 7.13 -13.68
N ASP A 233 -7.70 8.25 -13.64
CA ASP A 233 -7.66 9.14 -14.80
C ASP A 233 -6.28 9.76 -14.93
N LEU A 234 -6.08 10.46 -16.05
CA LEU A 234 -4.96 11.37 -16.24
C LEU A 234 -5.53 12.77 -16.39
N TYR A 235 -5.12 13.67 -15.52
CA TYR A 235 -5.77 14.97 -15.35
C TYR A 235 -4.81 16.09 -15.72
N ILE A 236 -5.26 16.99 -16.58
CA ILE A 236 -4.51 18.20 -16.93
C ILE A 236 -5.40 19.40 -16.67
N ASN A 237 -4.88 20.39 -15.95
CA ASN A 237 -5.63 21.59 -15.60
C ASN A 237 -4.80 22.81 -15.94
N SER A 238 -5.47 23.88 -16.38
CA SER A 238 -4.77 25.09 -16.80
C SER A 238 -4.52 26.06 -15.65
N SER A 239 -5.13 25.85 -14.49
CA SER A 239 -4.93 26.73 -13.35
C SER A 239 -3.80 26.28 -12.43
N TRP A 240 -3.23 25.10 -12.66
CA TRP A 240 -2.15 24.56 -11.86
C TRP A 240 -0.86 24.67 -12.67
N THR A 241 -0.02 25.65 -12.35
CA THR A 241 1.22 25.90 -13.06
C THR A 241 2.44 25.77 -12.17
N THR A 242 2.33 25.01 -11.08
CA THR A 242 3.46 24.83 -10.17
C THR A 242 3.23 23.55 -9.38
N CYS A 243 4.29 23.10 -8.69
CA CYS A 243 4.21 21.88 -7.89
C CYS A 243 5.28 21.98 -6.80
N ASN A 244 4.83 22.12 -5.55
CA ASN A 244 5.72 22.15 -4.39
C ASN A 244 5.56 20.92 -3.51
N HIS A 245 5.22 19.78 -4.11
CA HIS A 245 4.99 18.55 -3.36
C HIS A 245 6.30 18.01 -2.80
N GLN A 246 6.17 17.12 -1.81
CA GLN A 246 7.31 16.44 -1.23
C GLN A 246 7.26 14.94 -1.42
N LEU A 247 6.12 14.38 -1.84
CA LEU A 247 5.97 12.95 -2.09
C LEU A 247 5.69 12.75 -3.57
N GLY A 248 6.41 11.81 -4.18
CA GLY A 248 6.34 11.61 -5.61
C GLY A 248 7.41 12.32 -6.41
N ARG A 249 8.42 12.87 -5.75
CA ARG A 249 9.49 13.59 -6.42
C ARG A 249 10.61 12.60 -6.76
N TYR A 250 10.89 12.44 -8.05
CA TYR A 250 11.94 11.53 -8.51
C TYR A 250 12.75 12.23 -9.60
N THR A 251 14.00 11.79 -9.74
CA THR A 251 14.90 12.34 -10.74
C THR A 251 15.77 11.23 -11.30
N ILE A 252 16.35 11.49 -12.47
CA ILE A 252 17.18 10.49 -13.14
C ILE A 252 18.48 10.28 -12.39
N ASP A 253 19.10 11.37 -11.91
CA ASP A 253 20.42 11.29 -11.32
C ASP A 253 20.39 11.01 -9.83
N GLY A 254 19.67 11.84 -9.06
CA GLY A 254 19.67 11.73 -7.62
C GLY A 254 18.77 10.67 -7.03
N GLY A 255 17.97 10.00 -7.85
CA GLY A 255 17.06 8.98 -7.33
C GLY A 255 15.81 9.57 -6.71
N ALA A 256 15.59 9.28 -5.42
CA ALA A 256 14.43 9.79 -4.70
C ALA A 256 14.85 11.05 -3.95
N ILE A 257 14.52 12.21 -4.52
CA ILE A 257 14.88 13.48 -3.91
C ILE A 257 13.75 13.95 -3.01
N GLY A 258 14.10 14.72 -1.99
CA GLY A 258 13.12 15.22 -1.04
C GLY A 258 12.81 14.24 0.07
N ASN A 259 11.53 13.90 0.23
CA ASN A 259 11.12 12.91 1.22
C ASN A 259 10.46 11.69 0.57
N SER A 260 10.75 11.43 -0.69
CA SER A 260 10.10 10.35 -1.42
C SER A 260 10.72 9.01 -1.05
N THR A 261 10.13 7.93 -1.57
CA THR A 261 10.63 6.58 -1.36
C THR A 261 10.09 5.68 -2.47
N PHE A 262 10.71 4.52 -2.61
CA PHE A 262 10.28 3.55 -3.60
C PHE A 262 9.33 2.49 -3.03
N ASN A 263 8.95 2.62 -1.77
CA ASN A 263 7.98 1.73 -1.13
C ASN A 263 6.93 2.58 -0.42
N PRO A 264 6.01 3.18 -1.17
CA PRO A 264 5.05 4.09 -0.54
C PRO A 264 4.19 3.45 0.54
N SER A 265 3.82 2.18 0.38
CA SER A 265 2.92 1.55 1.35
C SER A 265 3.65 1.18 2.64
N GLY A 266 4.96 0.91 2.55
CA GLY A 266 5.69 0.50 3.74
C GLY A 266 5.78 1.60 4.78
N LEU A 267 5.94 2.85 4.35
CA LEU A 267 6.17 3.97 5.24
C LEU A 267 4.94 4.87 5.39
N TRP A 268 3.76 4.37 5.03
CA TRP A 268 2.55 5.19 5.08
C TRP A 268 1.99 5.34 6.48
N THR A 269 2.25 4.40 7.38
CA THR A 269 1.72 4.46 8.74
C THR A 269 2.77 5.01 9.70
N GLY A 270 2.34 5.90 10.60
CA GLY A 270 3.24 6.53 11.53
C GLY A 270 2.80 6.33 12.98
N THR A 271 3.57 6.94 13.87
CA THR A 271 3.27 6.93 15.30
C THR A 271 3.68 8.25 15.91
N PHE A 272 3.04 8.60 17.03
CA PHE A 272 3.31 9.86 17.71
C PHE A 272 3.15 9.69 19.21
N THR A 273 3.53 10.74 19.95
CA THR A 273 3.47 10.76 21.40
C THR A 273 2.69 11.97 21.87
N ALA A 274 1.80 11.75 22.85
CA ALA A 274 1.03 12.83 23.44
C ALA A 274 1.91 13.68 24.36
N GLU A 275 1.49 14.92 24.57
CA GLU A 275 2.28 15.88 25.35
C GLU A 275 1.52 16.46 26.54
N SER A 276 0.29 16.00 26.79
CA SER A 276 -0.50 16.44 27.94
C SER A 276 -0.71 17.95 27.95
N GLY A 277 -1.46 18.42 26.95
CA GLY A 277 -1.73 19.84 26.84
C GLY A 277 -2.85 20.09 25.85
N SER A 278 -3.11 21.37 25.57
CA SER A 278 -4.18 21.73 24.59
C SER A 278 -3.90 23.12 24.01
N VAL A 279 -4.49 23.42 22.85
CA VAL A 279 -4.32 24.77 22.24
C VAL A 279 -5.21 25.76 22.99
N SER A 280 -4.86 27.05 22.96
CA SER A 280 -5.66 28.08 23.66
C SER A 280 -7.10 28.10 23.12
N GLY A 281 -8.10 28.14 24.01
CA GLY A 281 -9.50 28.20 23.58
C GLY A 281 -10.04 26.82 23.28
N GLN A 282 -9.67 26.24 22.14
CA GLN A 282 -10.21 24.91 21.74
C GLN A 282 -9.47 23.82 22.50
N THR A 283 -9.85 23.59 23.76
CA THR A 283 -9.21 22.53 24.57
C THR A 283 -9.30 21.22 23.82
N ASN A 284 -10.41 21.00 23.09
CA ASN A 284 -10.62 19.71 22.41
C ASN A 284 -9.39 19.35 21.55
N TRP A 285 -8.54 20.33 21.24
CA TRP A 285 -7.41 20.06 20.35
C TRP A 285 -6.18 19.76 21.19
N ARG A 286 -5.91 18.48 21.41
CA ARG A 286 -4.76 18.07 22.21
C ARG A 286 -3.50 18.04 21.35
N ILE A 287 -2.42 18.61 21.87
CA ILE A 287 -1.18 18.70 21.12
C ILE A 287 -0.40 17.39 21.26
N ALA A 288 0.44 17.11 20.27
CA ALA A 288 1.25 15.90 20.27
C ALA A 288 2.41 16.09 19.30
N MET A 289 3.41 15.21 19.41
CA MET A 289 4.61 15.29 18.60
C MET A 289 4.84 13.99 17.85
N LEU A 290 5.15 14.10 16.57
CA LEU A 290 5.42 12.93 15.74
C LEU A 290 6.72 12.26 16.16
N ASP A 291 6.78 10.95 16.00
CA ASP A 291 7.96 10.17 16.36
C ASP A 291 8.79 9.88 15.12
N ASN A 292 10.08 10.15 15.18
CA ASN A 292 10.98 9.98 14.04
C ASN A 292 12.04 8.93 14.37
N PRO A 293 12.12 7.90 13.53
CA PRO A 293 13.15 6.94 13.81
C PRO A 293 14.33 6.94 12.84
N TYR A 294 14.63 8.04 12.16
CA TYR A 294 15.79 8.12 11.27
C TYR A 294 16.70 9.26 11.65
N ASN A 295 16.18 10.29 12.28
CA ASN A 295 16.98 11.41 12.78
C ASN A 295 16.69 11.34 14.24
N PRO A 296 17.13 10.31 15.02
CA PRO A 296 16.73 10.25 16.42
C PRO A 296 17.59 11.21 17.21
N THR A 297 18.26 12.14 16.52
CA THR A 297 19.18 13.09 17.19
C THR A 297 18.71 14.51 16.95
N SER A 298 17.54 14.67 16.34
CA SER A 298 17.00 16.03 16.02
C SER A 298 18.10 16.89 15.35
N ASP A 299 18.80 16.32 14.38
CA ASP A 299 19.85 17.08 13.64
C ASP A 299 19.18 17.98 12.61
N PRO A 300 19.49 19.30 12.57
CA PRO A 300 18.80 20.21 11.66
C PRO A 300 18.99 19.91 10.18
N THR A 301 20.09 19.23 9.82
CA THR A 301 20.36 18.99 8.38
C THR A 301 19.60 17.77 7.89
N LEU A 302 18.93 17.04 8.79
CA LEU A 302 18.12 15.92 8.34
C LEU A 302 16.65 16.29 8.41
N PRO A 303 15.81 15.71 7.55
CA PRO A 303 14.39 16.05 7.54
C PRO A 303 13.73 15.74 8.88
N PRO A 304 12.88 16.64 9.38
CA PRO A 304 12.24 16.41 10.68
C PRO A 304 11.24 15.27 10.68
N VAL A 305 10.31 15.27 9.73
CA VAL A 305 9.23 14.28 9.68
C VAL A 305 9.76 12.96 9.13
N PRO A 306 9.15 11.83 9.47
CA PRO A 306 9.62 10.55 8.92
C PRO A 306 9.36 10.47 7.42
N ARG A 307 10.10 9.57 6.77
CA ARG A 307 9.92 9.36 5.33
C ARG A 307 8.53 8.83 5.02
N GLY A 308 7.92 9.39 3.97
CA GLY A 308 6.68 8.87 3.45
C GLY A 308 5.43 9.34 4.17
N PHE A 309 5.54 10.23 5.15
CA PHE A 309 4.36 10.71 5.84
C PHE A 309 3.60 11.72 4.97
N CYS A 310 2.30 11.84 5.26
CA CYS A 310 1.40 12.63 4.42
C CYS A 310 1.78 14.11 4.44
N ASP A 311 1.45 14.80 3.35
CA ASP A 311 1.73 16.23 3.21
C ASP A 311 0.58 16.97 2.54
N TRP A 312 -0.67 16.53 2.78
CA TRP A 312 -1.82 17.20 2.20
C TRP A 312 -2.04 18.55 2.86
N GLY A 313 -2.29 19.58 2.05
CA GLY A 313 -2.52 20.90 2.59
C GLY A 313 -3.95 21.08 3.10
N SER A 314 -4.11 22.03 4.03
CA SER A 314 -5.39 22.27 4.67
C SER A 314 -5.74 23.72 4.87
N GLY A 315 -4.85 24.62 4.36
CA GLY A 315 -5.07 26.09 4.40
C GLY A 315 -4.17 26.83 5.36
N VAL A 316 -4.27 28.17 5.36
CA VAL A 316 -3.42 29.01 6.25
C VAL A 316 -4.29 29.61 7.35
N LYS A 317 -3.86 29.54 8.61
CA LYS A 317 -4.62 30.10 9.76
C LYS A 317 -6.13 29.96 9.49
N SER A 318 -6.60 28.73 9.26
CA SER A 318 -8.04 28.48 8.97
C SER A 318 -8.42 27.06 9.38
N GLY A 319 -8.83 26.87 10.64
CA GLY A 319 -9.30 25.52 11.05
C GLY A 319 -10.66 25.65 11.77
N ALA A 320 -11.46 26.65 11.42
CA ALA A 320 -12.83 26.70 11.98
C ALA A 320 -13.73 26.26 10.83
N ARG A 321 -13.11 25.83 9.73
CA ARG A 321 -13.91 25.48 8.51
C ARG A 321 -13.47 24.12 7.96
N GLN A 322 -12.18 23.77 8.08
CA GLN A 322 -11.71 22.50 7.45
C GLN A 322 -10.69 21.78 8.36
N HIS A 323 -10.44 20.50 8.09
CA HIS A 323 -9.48 19.70 8.90
C HIS A 323 -9.12 18.43 8.11
N LEU A 324 -8.24 17.59 8.66
CA LEU A 324 -7.89 16.30 8.01
C LEU A 324 -8.26 15.16 8.95
N VAL A 325 -8.47 13.94 8.43
CA VAL A 325 -8.90 12.79 9.28
C VAL A 325 -7.79 11.72 9.29
N CYS A 326 -7.73 10.90 10.34
CA CYS A 326 -6.71 9.83 10.45
C CYS A 326 -7.19 8.75 11.42
N PHE A 327 -6.73 7.50 11.23
CA PHE A 327 -7.10 6.40 12.16
C PHE A 327 -6.13 6.43 13.35
N THR A 328 -6.64 6.73 14.55
CA THR A 328 -5.76 6.86 15.74
C THR A 328 -6.16 5.84 16.79
N GLY A 329 -5.19 5.12 17.34
CA GLY A 329 -5.47 4.13 18.41
C GLY A 329 -4.40 4.17 19.47
N VAL A 330 -4.75 3.86 20.72
CA VAL A 330 -3.77 3.93 21.84
C VAL A 330 -2.95 2.64 21.91
N GLU A 331 -1.87 2.63 22.69
CA GLU A 331 -0.99 1.43 22.80
C GLU A 331 -1.53 0.50 23.88
N THR A 332 -1.17 -0.79 23.82
CA THR A 332 -1.63 -1.77 24.82
C THR A 332 -0.63 -1.83 25.96
N ASP A 333 -0.73 -2.86 26.81
CA ASP A 333 0.21 -3.00 27.96
C ASP A 333 0.93 -4.35 27.85
N ASN A 334 1.54 -4.63 26.69
CA ASN A 334 2.27 -5.92 26.48
C ASN A 334 3.14 -5.80 25.23
N GLY A 335 3.06 -4.66 24.51
CA GLY A 335 3.86 -4.46 23.29
C GLY A 335 3.26 -5.21 22.11
N GLU A 336 2.23 -6.03 22.35
CA GLU A 336 1.57 -6.80 21.27
C GLU A 336 1.24 -5.85 20.09
N GLY A 337 0.60 -4.72 20.38
CA GLY A 337 0.25 -3.75 19.32
C GLY A 337 -0.61 -2.63 19.85
N TYR A 338 -1.46 -2.05 18.99
CA TYR A 338 -2.32 -0.92 19.41
C TYR A 338 -3.74 -1.45 19.66
N LYS A 339 -4.62 -0.59 20.18
CA LYS A 339 -6.01 -1.03 20.51
C LYS A 339 -7.00 0.12 20.31
N ASP A 340 -8.29 -0.20 20.19
CA ASP A 340 -9.34 0.85 20.03
C ASP A 340 -8.90 1.89 19.01
N VAL A 341 -8.65 1.47 17.77
CA VAL A 341 -8.25 2.42 16.69
C VAL A 341 -9.52 2.99 16.03
N ASP A 342 -9.63 4.33 15.93
CA ASP A 342 -10.86 4.95 15.38
C ASP A 342 -10.50 6.22 14.60
N ALA A 343 -11.46 6.78 13.88
CA ALA A 343 -11.21 8.01 13.07
C ALA A 343 -11.04 9.23 14.00
N HIS A 344 -10.17 10.16 13.62
CA HIS A 344 -9.92 11.37 14.47
C HIS A 344 -9.49 12.53 13.58
N MET A 345 -10.09 13.71 13.79
CA MET A 345 -9.69 14.92 13.01
C MET A 345 -8.34 15.42 13.54
N TRP A 346 -7.41 15.75 12.64
CA TRP A 346 -6.05 16.18 13.06
C TRP A 346 -5.54 17.30 12.16
N ASP A 347 -4.44 17.95 12.56
CA ASP A 347 -3.83 19.02 11.70
C ASP A 347 -2.41 19.34 12.18
N TYR A 348 -1.64 20.09 11.38
CA TYR A 348 -0.26 20.45 11.68
C TYR A 348 -0.22 21.68 12.57
N GLY A 349 0.75 21.72 13.48
CA GLY A 349 1.00 22.93 14.24
C GLY A 349 -0.03 23.16 15.32
N ASP A 350 -0.31 24.44 15.58
CA ASP A 350 -1.25 24.82 16.63
C ASP A 350 -2.23 25.90 16.20
N ASP A 351 -2.21 26.33 14.95
CA ASP A 351 -3.14 27.32 14.41
C ASP A 351 -3.07 28.65 15.17
N ALA A 352 -1.89 28.96 15.71
CA ALA A 352 -1.70 30.21 16.46
C ALA A 352 -0.68 31.12 15.82
N THR A 353 0.53 30.63 15.55
CA THR A 353 1.59 31.45 14.99
C THR A 353 1.72 31.22 13.49
N ILE A 354 2.17 32.26 12.79
CA ILE A 354 2.29 32.18 11.34
C ILE A 354 3.40 31.23 10.93
N GLY A 355 4.47 31.13 11.72
CA GLY A 355 5.59 30.27 11.41
C GLY A 355 5.43 28.83 11.81
N LEU A 356 4.29 28.44 12.38
CA LEU A 356 4.10 27.07 12.82
C LEU A 356 2.70 26.54 12.51
N ASP A 357 1.96 27.19 11.61
CA ASP A 357 0.61 26.73 11.28
C ASP A 357 0.64 25.64 10.21
N ASN A 358 1.17 25.98 9.03
CA ASN A 358 1.41 25.02 7.96
C ASN A 358 2.91 25.09 7.66
N THR A 359 3.69 24.34 8.43
CA THR A 359 5.14 24.40 8.35
C THR A 359 5.81 23.04 8.18
N TYR A 360 5.06 21.95 8.15
CA TYR A 360 5.60 20.60 7.91
C TYR A 360 6.65 20.23 8.97
N GLN A 361 6.31 20.42 10.23
CA GLN A 361 7.17 20.05 11.34
C GLN A 361 6.61 18.82 12.05
N ARG A 362 7.24 18.44 13.15
CA ARG A 362 6.87 17.23 13.88
C ARG A 362 5.88 17.50 15.00
N GLN A 363 5.20 18.64 15.01
CA GLN A 363 4.19 18.94 16.02
C GLN A 363 2.82 19.03 15.36
N ILE A 364 1.85 18.30 15.92
CA ILE A 364 0.49 18.26 15.39
C ILE A 364 -0.50 18.39 16.54
N TYR A 365 -1.77 18.56 16.19
CA TYR A 365 -2.84 18.53 17.17
C TYR A 365 -3.98 17.66 16.66
N ILE A 366 -4.63 16.96 17.58
CA ILE A 366 -5.67 15.99 17.29
C ILE A 366 -6.87 16.27 18.18
N SER A 367 -8.06 16.15 17.62
CA SER A 367 -9.30 16.44 18.35
C SER A 367 -9.81 15.17 19.01
N ASP A 368 -10.14 15.26 20.30
CA ASP A 368 -10.65 14.14 21.08
C ASP A 368 -11.46 14.71 22.23
N PRO A 369 -12.74 14.34 22.35
CA PRO A 369 -13.53 14.85 23.48
C PRO A 369 -12.97 14.48 24.85
N THR A 370 -12.40 13.29 24.99
CA THR A 370 -11.83 12.85 26.25
C THR A 370 -10.41 13.40 26.39
N ALA A 371 -9.68 12.94 27.40
CA ALA A 371 -8.34 13.44 27.67
C ALA A 371 -7.30 12.42 27.24
N LEU A 372 -6.26 12.90 26.56
CA LEU A 372 -5.19 12.03 26.08
C LEU A 372 -4.31 11.57 27.23
N ASP A 373 -3.78 10.36 27.10
CA ASP A 373 -2.86 9.81 28.09
C ASP A 373 -1.45 10.32 27.83
N SER A 374 -0.86 10.96 28.84
CA SER A 374 0.46 11.56 28.67
C SER A 374 1.54 10.49 28.60
N GLY A 375 2.46 10.65 27.65
CA GLY A 375 3.60 9.76 27.53
C GLY A 375 3.34 8.45 26.82
N LYS A 376 2.13 8.22 26.32
CA LYS A 376 1.79 6.99 25.62
C LYS A 376 1.91 7.20 24.12
N ARG A 377 2.25 6.12 23.41
CA ARG A 377 2.41 6.18 21.97
C ARG A 377 1.12 5.80 21.26
N TYR A 378 0.83 6.50 20.17
CA TYR A 378 -0.37 6.26 19.38
C TYR A 378 0.02 6.02 17.92
N ILE A 379 -0.85 5.33 17.20
CA ILE A 379 -0.64 5.01 15.80
C ILE A 379 -1.48 5.95 14.94
N ILE A 380 -0.96 6.28 13.76
CA ILE A 380 -1.62 7.20 12.83
C ILE A 380 -1.61 6.57 11.45
N ILE A 381 -2.80 6.47 10.85
CA ILE A 381 -2.96 6.05 9.45
C ILE A 381 -3.84 7.08 8.75
N PRO A 382 -3.27 8.10 8.12
CA PRO A 382 -4.09 9.17 7.53
C PRO A 382 -4.89 8.69 6.33
N MET A 383 -6.22 8.78 6.40
CA MET A 383 -7.10 8.35 5.31
C MET A 383 -8.37 9.19 5.32
N GLY A 384 -8.38 10.28 4.54
CA GLY A 384 -9.55 11.10 4.38
C GLY A 384 -9.31 12.53 4.80
N ALA A 385 -10.21 13.40 4.33
CA ALA A 385 -10.19 14.83 4.65
C ALA A 385 -11.61 15.29 4.93
N SER A 386 -11.77 16.13 5.94
CA SER A 386 -13.07 16.53 6.45
C SER A 386 -13.30 18.02 6.30
N GLY A 387 -14.41 18.49 6.87
CA GLY A 387 -14.76 19.90 6.86
C GLY A 387 -15.10 20.45 5.50
N SER A 388 -14.49 21.58 5.13
CA SER A 388 -14.73 22.24 3.86
C SER A 388 -13.56 22.09 2.89
N ALA A 389 -12.91 20.93 2.89
CA ALA A 389 -11.72 20.72 2.08
C ALA A 389 -12.11 20.39 0.64
N THR A 390 -11.74 21.26 -0.29
CA THR A 390 -11.92 20.98 -1.71
C THR A 390 -10.62 20.47 -2.30
N ASP A 391 -10.60 20.31 -3.63
CA ASP A 391 -9.40 19.78 -4.29
C ASP A 391 -8.27 20.81 -4.30
N ASP A 392 -8.60 22.10 -4.42
CA ASP A 392 -7.57 23.13 -4.47
C ASP A 392 -6.76 23.20 -3.18
N THR A 393 -7.43 23.08 -2.03
CA THR A 393 -6.70 23.14 -0.76
C THR A 393 -5.85 21.90 -0.54
N LEU A 394 -6.26 20.75 -1.08
CA LEU A 394 -5.43 19.55 -0.98
C LEU A 394 -4.25 19.58 -1.94
N GLN A 395 -4.40 20.24 -3.10
CA GLN A 395 -3.31 20.28 -4.07
C GLN A 395 -2.11 21.04 -3.51
N ILE A 396 -2.35 22.18 -2.87
CA ILE A 396 -1.24 22.95 -2.30
C ILE A 396 -0.69 22.21 -1.10
N SER A 397 0.64 22.24 -0.96
CA SER A 397 1.33 21.55 0.11
C SER A 397 1.76 22.54 1.19
N PRO A 398 1.83 22.11 2.44
CA PRO A 398 2.31 23.02 3.50
C PRO A 398 3.73 23.48 3.24
N ASN A 399 3.98 24.75 3.53
CA ASN A 399 5.29 25.34 3.27
C ASN A 399 6.33 24.76 4.22
N CYS A 400 7.57 24.65 3.73
CA CYS A 400 8.68 24.15 4.53
C CYS A 400 9.89 25.03 4.33
N TYR A 401 10.62 25.30 5.41
CA TYR A 401 11.87 26.04 5.35
C TYR A 401 12.77 25.62 6.50
N GLY A 402 14.04 25.89 6.35
CA GLY A 402 15.04 25.53 7.34
C GLY A 402 16.41 25.41 6.69
N SER A 403 17.17 24.41 7.14
CA SER A 403 18.48 24.13 6.61
C SER A 403 18.60 22.76 5.95
N TRP A 404 17.65 21.86 6.20
CA TRP A 404 17.71 20.54 5.62
C TRP A 404 17.38 20.59 4.12
N ASP A 405 17.77 19.52 3.42
CA ASP A 405 17.64 19.45 1.96
C ASP A 405 16.21 19.05 1.61
N TYR A 406 15.42 20.04 1.17
CA TYR A 406 14.07 19.78 0.72
C TYR A 406 13.96 20.01 -0.79
N ALA A 407 12.91 19.43 -1.37
CA ALA A 407 12.72 19.51 -2.82
C ALA A 407 12.23 20.90 -3.21
N PRO A 408 12.78 21.51 -4.26
CA PRO A 408 12.33 22.84 -4.66
C PRO A 408 10.99 22.78 -5.39
N THR A 409 10.49 23.96 -5.72
CA THR A 409 9.22 24.09 -6.44
C THR A 409 9.50 24.32 -7.92
N ILE A 410 9.06 23.39 -8.76
CA ILE A 410 9.31 23.45 -10.19
C ILE A 410 8.23 24.27 -10.88
N ALA A 411 8.51 24.67 -12.12
CA ALA A 411 7.55 25.35 -12.98
C ALA A 411 7.74 24.84 -14.40
N PRO A 412 6.65 24.64 -15.14
CA PRO A 412 6.77 24.14 -16.52
C PRO A 412 7.17 25.26 -17.46
N PRO A 413 7.79 24.92 -18.59
CA PRO A 413 8.07 25.94 -19.62
C PRO A 413 6.78 26.49 -20.20
N LEU A 414 6.83 27.74 -20.64
CA LEU A 414 5.64 28.41 -21.15
C LEU A 414 5.11 27.67 -22.38
N GLY A 415 3.80 27.46 -22.40
CA GLY A 415 3.15 26.77 -23.50
C GLY A 415 2.88 25.30 -23.28
N GLU A 416 3.02 24.80 -22.06
CA GLU A 416 2.79 23.39 -21.76
C GLU A 416 1.98 23.24 -20.47
N GLN A 417 1.47 22.04 -20.27
CA GLN A 417 0.73 21.66 -19.08
C GLN A 417 1.41 20.46 -18.41
N ILE A 418 0.77 19.92 -17.38
CA ILE A 418 1.32 18.79 -16.62
C ILE A 418 0.24 17.73 -16.47
N VAL A 419 0.64 16.47 -16.57
CA VAL A 419 -0.24 15.33 -16.34
C VAL A 419 -0.06 14.87 -14.89
N TRP A 420 -1.17 14.64 -14.20
CA TRP A 420 -1.16 14.61 -12.74
C TRP A 420 -1.47 13.27 -12.09
N PHE A 421 -1.87 12.24 -12.85
CA PHE A 421 -2.13 10.91 -12.29
C PHE A 421 -3.15 10.98 -11.15
N ARG A 422 -4.35 11.44 -11.47
CA ARG A 422 -5.32 11.71 -10.41
C ARG A 422 -6.04 10.44 -9.98
N SER A 423 -6.60 10.49 -8.76
CA SER A 423 -7.28 9.36 -8.16
C SER A 423 -8.38 9.88 -7.24
N TYR A 424 -9.32 9.00 -6.90
CA TYR A 424 -10.54 9.35 -6.19
C TYR A 424 -10.43 8.95 -4.73
N LEU A 425 -10.74 9.90 -3.83
CA LEU A 425 -10.64 9.67 -2.38
C LEU A 425 -12.03 9.68 -1.76
N PRO A 426 -12.51 8.55 -1.23
CA PRO A 426 -13.85 8.52 -0.62
C PRO A 426 -13.91 9.20 0.74
N ALA A 427 -15.05 9.08 1.41
CA ALA A 427 -15.28 9.73 2.69
C ALA A 427 -15.52 8.70 3.79
N SER A 428 -15.15 9.07 5.02
CA SER A 428 -15.40 8.25 6.20
C SER A 428 -15.70 9.20 7.35
N SER A 429 -16.92 9.12 7.89
CA SER A 429 -17.41 10.04 8.91
C SER A 429 -17.78 9.30 10.18
N THR A 430 -18.33 10.04 11.15
CA THR A 430 -18.71 9.43 12.45
C THR A 430 -20.05 9.98 12.88
N SER A 431 -20.95 9.11 13.35
CA SER A 431 -22.31 9.54 13.79
C SER A 431 -22.28 9.92 15.28
N ALA A 432 -22.01 11.20 15.59
CA ALA A 432 -21.97 11.66 17.00
C ALA A 432 -22.16 13.17 17.04
N SER A 433 -22.59 13.71 18.19
CA SER A 433 -22.80 15.18 18.33
C SER A 433 -21.58 15.93 17.75
N SER A 434 -20.41 15.77 18.36
CA SER A 434 -19.17 16.39 17.82
C SER A 434 -18.46 15.38 16.92
N GLY A 435 -19.16 14.79 15.95
CA GLY A 435 -18.55 13.71 15.13
C GLY A 435 -17.73 14.25 13.97
N VAL A 436 -17.25 13.35 13.11
CA VAL A 436 -16.41 13.76 11.95
C VAL A 436 -17.33 14.16 10.77
N ASN A 437 -17.02 15.26 10.09
CA ASN A 437 -17.82 15.71 8.92
C ASN A 437 -16.94 15.61 7.67
N SER A 438 -16.60 14.38 7.24
CA SER A 438 -15.66 14.20 6.11
C SER A 438 -16.35 14.46 4.77
N VAL A 439 -15.57 14.56 3.68
CA VAL A 439 -16.12 14.82 2.33
C VAL A 439 -15.34 13.99 1.30
N SER A 440 -15.93 13.76 0.12
CA SER A 440 -15.22 13.03 -0.97
C SER A 440 -14.37 14.02 -1.76
N ALA A 441 -13.22 13.58 -2.31
CA ALA A 441 -12.33 14.50 -3.01
C ALA A 441 -11.51 13.73 -4.03
N HIS A 442 -10.51 14.40 -4.60
CA HIS A 442 -9.58 13.80 -5.53
C HIS A 442 -8.17 14.19 -5.15
N ILE A 443 -7.21 13.32 -5.45
CA ILE A 443 -5.81 13.51 -5.09
C ILE A 443 -4.95 13.24 -6.32
N SER A 444 -4.02 14.15 -6.60
CA SER A 444 -3.15 14.04 -7.77
C SER A 444 -1.69 14.01 -7.34
N SER A 445 -0.86 13.41 -8.19
CA SER A 445 0.56 13.24 -7.94
C SER A 445 1.35 13.80 -9.12
N LEU A 446 2.66 13.52 -9.13
CA LEU A 446 3.49 13.99 -10.23
C LEU A 446 3.94 12.83 -11.11
N MET A 447 4.52 11.79 -10.51
CA MET A 447 4.97 10.63 -11.26
C MET A 447 5.09 9.44 -10.33
N SER A 448 4.64 8.28 -10.81
CA SER A 448 4.77 7.04 -10.07
C SER A 448 6.15 6.41 -10.32
N PRO A 449 6.69 5.69 -9.34
CA PRO A 449 8.04 5.12 -9.52
C PRO A 449 8.14 4.10 -10.64
N ASP A 450 7.02 3.48 -11.04
CA ASP A 450 7.07 2.42 -12.05
C ASP A 450 7.55 2.96 -13.40
N LEU A 451 7.14 4.17 -13.75
CA LEU A 451 7.57 4.75 -15.03
C LEU A 451 9.04 5.12 -15.00
N ILE A 452 9.59 5.63 -13.91
CA ILE A 452 10.97 6.09 -13.95
C ILE A 452 11.92 4.98 -13.62
N ARG A 453 11.48 3.92 -12.98
CA ARG A 453 12.39 2.89 -12.56
C ARG A 453 13.06 2.19 -13.69
N SER A 454 12.62 2.39 -14.92
CA SER A 454 13.18 1.64 -16.04
C SER A 454 14.24 2.42 -16.72
N ALA A 455 14.10 3.73 -16.71
CA ALA A 455 15.07 4.61 -17.36
C ALA A 455 16.48 4.48 -16.81
N TYR A 456 16.65 3.80 -15.67
CA TYR A 456 17.95 3.73 -15.03
C TYR A 456 18.94 2.82 -15.76
N VAL A 457 18.46 1.97 -16.68
CA VAL A 457 19.37 1.11 -17.44
C VAL A 457 20.29 1.97 -18.32
N SER A 458 19.71 2.96 -19.00
CA SER A 458 20.48 3.90 -19.82
C SER A 458 19.91 5.30 -19.58
N GLY A 459 20.68 6.13 -18.89
CA GLY A 459 20.21 7.46 -18.57
C GLY A 459 20.08 8.34 -19.81
N PHE A 460 19.32 9.42 -19.65
CA PHE A 460 19.11 10.34 -20.75
C PHE A 460 20.43 11.02 -21.12
N PRO A 461 20.71 11.20 -22.41
CA PRO A 461 21.88 12.00 -22.79
C PRO A 461 21.75 13.42 -22.29
N GLU A 462 22.90 14.03 -22.01
CA GLU A 462 22.92 15.35 -21.38
C GLU A 462 22.19 16.38 -22.24
N GLY A 463 21.33 17.18 -21.60
CA GLY A 463 20.55 18.22 -22.25
C GLY A 463 19.68 17.65 -23.37
N LYS A 464 18.75 16.77 -22.98
CA LYS A 464 17.87 16.13 -23.94
C LYS A 464 16.63 15.59 -23.23
N ALA A 465 15.49 15.71 -23.88
CA ALA A 465 14.23 15.17 -23.39
C ALA A 465 13.72 14.08 -24.33
N ALA A 466 12.69 13.37 -23.88
CA ALA A 466 12.17 12.23 -24.63
C ALA A 466 10.74 12.50 -25.10
N LEU A 467 10.39 11.93 -26.26
CA LEU A 467 9.02 11.97 -26.76
C LEU A 467 8.38 10.61 -26.55
N LEU A 468 7.21 10.60 -25.90
CA LEU A 468 6.49 9.38 -25.59
C LEU A 468 5.15 9.37 -26.31
N ASP A 469 4.76 8.21 -26.81
CA ASP A 469 3.47 8.01 -27.44
C ASP A 469 2.56 7.23 -26.51
N TYR A 470 1.40 7.79 -26.21
CA TYR A 470 0.37 7.11 -25.42
C TYR A 470 -0.63 6.53 -26.42
N VAL A 471 -0.72 5.20 -26.46
CA VAL A 471 -1.53 4.48 -27.43
C VAL A 471 -2.71 3.86 -26.69
N LEU A 472 -3.90 4.26 -27.13
CA LEU A 472 -5.13 3.75 -26.56
C LEU A 472 -6.00 3.26 -27.70
N TYR A 473 -7.22 2.84 -27.40
CA TYR A 473 -8.17 2.34 -28.42
C TYR A 473 -7.55 1.49 -29.53
N GLY A 474 -6.86 0.42 -29.15
CA GLY A 474 -6.26 -0.49 -30.13
C GLY A 474 -5.41 0.26 -31.15
N GLY A 475 -4.82 1.39 -30.74
CA GLY A 475 -3.91 2.13 -31.64
C GLY A 475 -4.62 3.25 -32.37
N SER A 476 -5.92 3.07 -32.66
CA SER A 476 -6.68 4.09 -33.44
C SER A 476 -6.31 5.50 -32.96
N VAL A 477 -6.37 5.74 -31.65
CA VAL A 477 -5.98 7.07 -31.09
C VAL A 477 -4.59 6.96 -30.44
N VAL A 478 -3.75 7.99 -30.59
CA VAL A 478 -2.40 7.99 -29.95
C VAL A 478 -2.05 9.43 -29.52
N GLU A 479 -1.68 9.62 -28.26
CA GLU A 479 -1.34 10.98 -27.73
C GLU A 479 0.18 11.16 -27.74
N GLN A 480 0.65 12.41 -27.72
CA GLN A 480 2.11 12.68 -27.75
C GLN A 480 2.51 13.54 -26.54
N PHE A 481 3.34 12.99 -25.66
CA PHE A 481 3.80 13.71 -24.48
C PHE A 481 5.32 13.87 -24.54
N LYS A 482 5.83 14.83 -23.77
CA LYS A 482 7.25 15.10 -23.71
C LYS A 482 7.71 14.97 -22.26
N MET A 483 8.67 14.09 -22.02
CA MET A 483 9.18 13.83 -20.68
C MET A 483 10.55 14.48 -20.53
N TYR A 484 10.71 15.23 -19.44
CA TYR A 484 11.93 15.96 -19.14
C TYR A 484 12.80 15.19 -18.16
N ARG A 485 13.94 15.80 -17.84
CA ARG A 485 14.93 15.17 -16.96
C ARG A 485 14.63 15.37 -15.47
N GLU A 486 13.68 16.25 -15.14
CA GLU A 486 13.42 16.57 -13.74
C GLU A 486 12.35 15.68 -13.11
N GLY A 487 11.52 15.00 -13.91
CA GLY A 487 10.53 14.11 -13.35
C GLY A 487 9.11 14.31 -13.86
N TYR A 488 8.80 15.48 -14.39
CA TYR A 488 7.44 15.79 -14.79
C TYR A 488 7.25 15.58 -16.30
N LEU A 489 5.98 15.52 -16.71
CA LEU A 489 5.67 15.33 -18.16
C LEU A 489 4.92 16.57 -18.65
N THR A 490 5.07 16.91 -19.94
CA THR A 490 4.45 18.14 -20.46
C THR A 490 3.56 17.81 -21.65
N ALA A 491 2.37 18.41 -21.71
CA ALA A 491 1.47 18.21 -22.87
C ALA A 491 1.23 19.57 -23.52
N ASN A 492 1.18 19.62 -24.86
CA ASN A 492 1.01 20.91 -25.57
C ASN A 492 -0.28 21.58 -25.11
N ALA A 493 -0.30 22.92 -25.09
CA ALA A 493 -1.46 23.64 -24.62
C ALA A 493 -2.64 23.30 -25.49
N GLY A 499 -7.13 20.92 -21.66
CA GLY A 499 -7.62 20.76 -20.27
C GLY A 499 -8.76 19.76 -20.22
N PHE A 500 -8.46 18.49 -19.93
CA PHE A 500 -9.51 17.44 -19.92
C PHE A 500 -9.02 16.23 -19.13
N ILE A 501 -9.61 15.07 -19.39
CA ILE A 501 -9.19 13.82 -18.71
C ILE A 501 -8.87 12.77 -19.79
N ILE A 502 -7.74 12.09 -19.66
CA ILE A 502 -7.36 11.00 -20.62
C ILE A 502 -7.71 9.66 -19.95
N PRO A 503 -8.35 8.69 -20.63
CA PRO A 503 -8.60 7.39 -19.98
C PRO A 503 -7.37 6.66 -19.50
N PRO A 504 -7.52 5.71 -18.58
CA PRO A 504 -6.41 4.91 -18.11
C PRO A 504 -6.32 3.53 -18.75
N ASP A 505 -6.61 3.33 -20.04
CA ASP A 505 -6.45 2.08 -20.76
C ASP A 505 -5.53 2.30 -21.96
N GLY A 506 -4.23 2.18 -21.71
CA GLY A 506 -3.24 2.33 -22.76
C GLY A 506 -1.86 2.01 -22.23
N TYR A 507 -0.88 2.06 -23.13
CA TYR A 507 0.51 1.83 -22.77
C TYR A 507 1.40 2.87 -23.44
N PHE A 508 2.49 3.21 -22.76
CA PHE A 508 3.44 4.20 -23.24
C PHE A 508 4.37 3.58 -24.28
N ARG A 509 4.85 4.41 -25.20
CA ARG A 509 5.74 3.96 -26.26
C ARG A 509 6.82 5.00 -26.49
N PHE A 510 8.06 4.53 -26.63
CA PHE A 510 9.21 5.41 -26.80
C PHE A 510 9.33 5.81 -28.27
N ASN A 511 9.27 7.11 -28.55
CA ASN A 511 9.34 7.60 -29.92
C ASN A 511 10.76 7.97 -30.33
N SER A 512 11.35 8.96 -29.66
CA SER A 512 12.66 9.48 -30.02
C SER A 512 13.11 10.48 -28.97
N TRP A 513 14.29 11.06 -29.19
CA TRP A 513 14.86 12.09 -28.33
C TRP A 513 14.76 13.44 -29.03
N VAL A 514 14.35 14.47 -28.28
CA VAL A 514 14.25 15.81 -28.80
C VAL A 514 14.95 16.77 -27.82
N SER A 515 15.26 17.96 -28.33
CA SER A 515 15.90 18.98 -27.51
C SER A 515 14.87 19.82 -26.79
N PRO A 516 15.10 20.15 -25.50
CA PRO A 516 14.17 20.94 -24.72
C PRO A 516 14.11 22.40 -25.16
N PRO B 209 23.32 -13.21 -23.05
CA PRO B 209 22.83 -11.92 -22.55
C PRO B 209 22.92 -11.80 -21.03
N ILE B 210 23.56 -10.74 -20.56
CA ILE B 210 23.75 -10.53 -19.12
C ILE B 210 22.50 -9.88 -18.55
N TRP B 211 22.35 -9.99 -17.23
CA TRP B 211 21.22 -9.43 -16.49
C TRP B 211 21.74 -8.40 -15.50
N GLN B 212 21.17 -7.20 -15.56
CA GLN B 212 21.53 -6.12 -14.66
C GLN B 212 20.48 -5.98 -13.57
N ILE B 213 20.90 -6.14 -12.32
CA ILE B 213 20.01 -6.05 -11.16
C ILE B 213 20.34 -4.74 -10.42
N PRO B 214 19.39 -3.80 -10.32
CA PRO B 214 19.68 -2.56 -9.61
C PRO B 214 19.91 -2.84 -8.14
N PRO B 215 20.76 -2.04 -7.48
CA PRO B 215 21.09 -2.24 -6.06
C PRO B 215 20.00 -1.76 -5.10
N THR B 216 18.82 -2.39 -5.18
CA THR B 216 17.73 -2.06 -4.27
C THR B 216 17.74 -3.01 -3.09
N PRO B 217 17.86 -2.51 -1.85
CA PRO B 217 17.86 -3.41 -0.71
C PRO B 217 16.52 -4.10 -0.55
N PRO B 218 16.50 -5.32 -0.01
CA PRO B 218 15.22 -5.99 0.25
C PRO B 218 14.33 -5.25 1.24
N GLY B 219 14.90 -4.35 2.06
CA GLY B 219 14.10 -3.58 2.98
C GLY B 219 13.29 -2.48 2.33
N ALA B 220 13.56 -2.18 1.05
CA ALA B 220 12.82 -1.18 0.30
C ALA B 220 11.95 -1.80 -0.79
N MET B 221 11.36 -2.96 -0.51
CA MET B 221 10.48 -3.64 -1.45
C MET B 221 9.11 -3.85 -0.81
N VAL B 222 8.12 -4.11 -1.65
CA VAL B 222 6.75 -4.31 -1.19
C VAL B 222 6.55 -5.78 -0.84
N ASN B 223 5.71 -6.04 0.17
CA ASN B 223 5.36 -7.40 0.52
C ASN B 223 4.03 -7.75 -0.13
N PRO B 224 4.02 -8.62 -1.14
CA PRO B 224 2.78 -8.87 -1.88
C PRO B 224 1.65 -9.43 -1.05
N ARG B 225 1.95 -10.28 -0.07
CA ARG B 225 0.88 -10.92 0.71
C ARG B 225 0.47 -10.11 1.93
N SER B 226 1.13 -8.99 2.20
CA SER B 226 0.77 -8.15 3.33
C SER B 226 1.35 -6.75 3.19
N PRO B 227 0.75 -5.88 2.38
CA PRO B 227 1.20 -4.48 2.33
C PRO B 227 1.01 -3.79 3.67
N LEU B 228 1.49 -2.55 3.78
CA LEU B 228 1.45 -1.72 4.98
C LEU B 228 2.38 -2.22 6.08
N THR B 229 3.21 -3.22 5.81
CA THR B 229 4.21 -3.71 6.77
C THR B 229 5.51 -3.97 6.03
N PRO B 230 6.57 -3.23 6.31
CA PRO B 230 7.82 -3.42 5.58
C PRO B 230 8.50 -4.73 5.94
N VAL B 231 9.37 -5.18 5.03
CA VAL B 231 10.12 -6.41 5.23
C VAL B 231 11.17 -6.19 6.32
N VAL B 232 11.32 -7.18 7.19
CA VAL B 232 12.26 -7.10 8.31
C VAL B 232 13.39 -8.12 8.17
N ASP B 233 13.10 -9.32 7.68
CA ASP B 233 14.09 -10.39 7.66
C ASP B 233 13.91 -11.24 6.40
N LEU B 234 14.85 -12.15 6.20
CA LEU B 234 14.73 -13.23 5.23
C LEU B 234 14.70 -14.54 6.00
N TYR B 235 13.63 -15.30 5.85
CA TYR B 235 13.33 -16.44 6.71
C TYR B 235 13.45 -17.74 5.92
N ILE B 236 14.24 -18.66 6.44
CA ILE B 236 14.37 -20.01 5.88
C ILE B 236 14.04 -21.00 7.00
N ASN B 237 13.09 -21.89 6.74
CA ASN B 237 12.65 -22.88 7.71
C ASN B 237 12.66 -24.25 7.07
N SER B 238 13.04 -25.27 7.83
CA SER B 238 13.15 -26.63 7.30
C SER B 238 11.84 -27.41 7.40
N SER B 239 10.84 -26.88 8.09
CA SER B 239 9.56 -27.55 8.22
C SER B 239 8.56 -27.13 7.17
N TRP B 240 8.87 -26.12 6.36
CA TRP B 240 7.99 -25.64 5.30
C TRP B 240 8.59 -26.05 3.96
N THR B 241 8.00 -27.09 3.35
CA THR B 241 8.49 -27.63 2.09
C THR B 241 7.45 -27.56 0.98
N THR B 242 6.54 -26.59 1.05
CA THR B 242 5.51 -26.43 0.03
C THR B 242 4.99 -25.01 0.07
N CYS B 243 4.25 -24.64 -0.98
CA CYS B 243 3.67 -23.30 -1.07
C CYS B 243 2.44 -23.38 -1.95
N ASN B 244 1.27 -23.20 -1.35
CA ASN B 244 0.00 -23.19 -2.07
C ASN B 244 -0.70 -21.84 -2.01
N HIS B 245 0.07 -20.75 -1.99
CA HIS B 245 -0.48 -19.42 -1.90
C HIS B 245 -1.14 -19.01 -3.20
N GLN B 246 -1.86 -17.89 -3.16
CA GLN B 246 -2.47 -17.31 -4.35
C GLN B 246 -2.01 -15.89 -4.62
N LEU B 247 -1.38 -15.23 -3.65
CA LEU B 247 -0.87 -13.88 -3.80
C LEU B 247 0.65 -13.91 -3.69
N GLY B 248 1.32 -13.21 -4.60
CA GLY B 248 2.77 -13.17 -4.62
C GLY B 248 3.42 -14.18 -5.54
N ARG B 249 2.65 -14.83 -6.41
CA ARG B 249 3.19 -15.81 -7.35
C ARG B 249 3.34 -15.16 -8.72
N TYR B 250 4.55 -15.20 -9.27
CA TYR B 250 4.85 -14.62 -10.56
C TYR B 250 5.66 -15.61 -11.39
N THR B 251 5.61 -15.42 -12.70
CA THR B 251 6.32 -16.29 -13.63
C THR B 251 7.06 -15.43 -14.64
N ILE B 252 8.20 -15.96 -15.11
CA ILE B 252 8.99 -15.24 -16.10
C ILE B 252 8.22 -15.12 -17.41
N ASP B 253 7.56 -16.21 -17.83
CA ASP B 253 6.87 -16.25 -19.11
C ASP B 253 5.43 -15.75 -19.01
N GLY B 254 4.65 -16.29 -18.08
CA GLY B 254 3.24 -15.99 -17.98
C GLY B 254 2.87 -14.71 -17.27
N GLY B 255 3.83 -13.99 -16.70
CA GLY B 255 3.54 -12.76 -15.99
C GLY B 255 3.04 -13.01 -14.57
N ALA B 256 1.85 -12.50 -14.26
CA ALA B 256 1.26 -12.67 -12.93
C ALA B 256 0.23 -13.79 -12.99
N ILE B 257 0.64 -15.00 -12.64
CA ILE B 257 -0.22 -16.16 -12.69
C ILE B 257 -0.98 -16.26 -11.36
N GLY B 258 -2.12 -16.95 -11.40
CA GLY B 258 -2.93 -17.15 -10.21
C GLY B 258 -3.93 -16.03 -9.99
N ASN B 259 -3.84 -15.36 -8.84
CA ASN B 259 -4.75 -14.27 -8.52
C ASN B 259 -4.00 -13.04 -8.02
N SER B 260 -2.74 -12.87 -8.41
CA SER B 260 -1.90 -11.80 -7.90
C SER B 260 -2.03 -10.55 -8.77
N THR B 261 -1.22 -9.54 -8.46
CA THR B 261 -1.23 -8.28 -9.19
C THR B 261 0.14 -7.64 -9.09
N PHE B 262 0.36 -6.61 -9.92
CA PHE B 262 1.54 -5.77 -9.82
C PHE B 262 1.29 -4.50 -9.01
N ASN B 263 0.08 -4.35 -8.46
CA ASN B 263 -0.29 -3.22 -7.61
C ASN B 263 -0.99 -3.76 -6.37
N PRO B 264 -0.25 -4.37 -5.45
CA PRO B 264 -0.91 -4.98 -4.28
C PRO B 264 -1.66 -3.99 -3.41
N SER B 265 -1.19 -2.75 -3.32
CA SER B 265 -1.84 -1.78 -2.44
C SER B 265 -3.15 -1.28 -3.02
N GLY B 266 -3.23 -1.17 -4.36
CA GLY B 266 -4.43 -0.63 -4.97
C GLY B 266 -5.65 -1.51 -4.77
N LEU B 267 -5.46 -2.83 -4.76
CA LEU B 267 -6.56 -3.79 -4.71
C LEU B 267 -6.69 -4.48 -3.36
N TRP B 268 -6.08 -3.91 -2.31
CA TRP B 268 -6.09 -4.55 -1.00
C TRP B 268 -7.43 -4.38 -0.27
N THR B 269 -8.21 -3.37 -0.61
CA THR B 269 -9.48 -3.11 0.06
C THR B 269 -10.64 -3.59 -0.80
N GLY B 270 -11.65 -4.18 -0.16
CA GLY B 270 -12.79 -4.74 -0.85
C GLY B 270 -14.11 -4.26 -0.28
N THR B 271 -15.20 -4.81 -0.84
CA THR B 271 -16.54 -4.51 -0.38
C THR B 271 -17.38 -5.79 -0.40
N PHE B 272 -18.44 -5.81 0.39
CA PHE B 272 -19.34 -6.96 0.45
C PHE B 272 -20.76 -6.48 0.72
N THR B 273 -21.70 -7.42 0.65
CA THR B 273 -23.12 -7.16 0.87
C THR B 273 -23.68 -8.12 1.90
N ALA B 274 -24.49 -7.59 2.82
CA ALA B 274 -25.17 -8.41 3.80
C ALA B 274 -26.30 -9.21 3.15
N GLU B 275 -26.61 -10.37 3.73
CA GLU B 275 -27.59 -11.28 3.14
C GLU B 275 -28.77 -11.56 4.05
N SER B 276 -28.95 -10.80 5.13
CA SER B 276 -30.12 -10.91 6.00
C SER B 276 -30.27 -12.31 6.58
N GLY B 277 -29.31 -12.69 7.40
CA GLY B 277 -29.36 -13.99 8.05
C GLY B 277 -28.19 -14.17 8.99
N SER B 278 -28.12 -15.36 9.58
CA SER B 278 -27.04 -15.74 10.47
C SER B 278 -26.84 -17.24 10.41
N VAL B 279 -25.64 -17.68 10.78
CA VAL B 279 -25.33 -19.10 10.75
C VAL B 279 -26.10 -19.81 11.85
N SER B 280 -26.32 -21.12 11.65
CA SER B 280 -27.06 -21.90 12.63
C SER B 280 -26.24 -22.09 13.90
N GLY B 281 -26.91 -21.97 15.05
CA GLY B 281 -26.25 -22.13 16.33
C GLY B 281 -25.75 -20.83 16.91
N GLN B 282 -24.77 -20.22 16.25
CA GLN B 282 -24.20 -18.95 16.67
C GLN B 282 -24.97 -17.81 16.01
N THR B 283 -25.68 -17.02 16.81
CA THR B 283 -26.47 -15.92 16.27
C THR B 283 -25.64 -14.66 16.07
N ASN B 284 -24.39 -14.66 16.52
CA ASN B 284 -23.55 -13.48 16.35
C ASN B 284 -22.81 -13.48 15.02
N TRP B 285 -22.89 -14.55 14.25
CA TRP B 285 -22.14 -14.67 13.00
C TRP B 285 -23.07 -14.38 11.83
N ARG B 286 -23.17 -13.11 11.47
CA ARG B 286 -24.00 -12.71 10.34
C ARG B 286 -23.35 -13.12 9.03
N ILE B 287 -24.14 -13.72 8.14
CA ILE B 287 -23.65 -14.16 6.84
C ILE B 287 -23.59 -12.98 5.88
N ALA B 288 -22.68 -13.06 4.91
CA ALA B 288 -22.51 -12.00 3.93
C ALA B 288 -21.83 -12.57 2.70
N MET B 289 -21.91 -11.83 1.60
CA MET B 289 -21.36 -12.27 0.32
C MET B 289 -20.45 -11.20 -0.25
N LEU B 290 -19.26 -11.63 -0.69
CA LEU B 290 -18.29 -10.69 -1.27
C LEU B 290 -18.77 -10.17 -2.61
N ASP B 291 -18.37 -8.94 -2.93
CA ASP B 291 -18.75 -8.29 -4.16
C ASP B 291 -17.59 -8.33 -5.15
N ASN B 292 -17.84 -8.83 -6.35
CA ASN B 292 -16.79 -9.02 -7.36
C ASN B 292 -17.07 -8.17 -8.58
N PRO B 293 -16.30 -7.10 -8.82
CA PRO B 293 -16.54 -6.28 -10.02
C PRO B 293 -15.91 -6.82 -11.29
N TYR B 294 -14.84 -7.61 -11.18
CA TYR B 294 -14.15 -8.08 -12.38
C TYR B 294 -14.92 -9.18 -13.08
N ASN B 295 -15.79 -9.90 -12.37
CA ASN B 295 -16.57 -11.00 -12.92
C ASN B 295 -18.03 -10.79 -12.54
N PRO B 296 -18.73 -9.89 -13.24
CA PRO B 296 -20.14 -9.61 -12.90
C PRO B 296 -21.01 -10.84 -12.98
N THR B 297 -21.05 -11.48 -14.14
CA THR B 297 -21.76 -12.74 -14.30
C THR B 297 -20.91 -13.88 -13.75
N SER B 298 -21.54 -14.80 -13.03
CA SER B 298 -20.80 -15.86 -12.37
C SER B 298 -20.32 -16.91 -13.38
N ASP B 299 -19.35 -16.54 -14.21
CA ASP B 299 -18.80 -17.45 -15.19
C ASP B 299 -17.85 -18.42 -14.51
N PRO B 300 -18.04 -19.74 -14.63
CA PRO B 300 -17.20 -20.70 -13.90
C PRO B 300 -15.73 -20.67 -14.30
N THR B 301 -15.38 -20.09 -15.44
CA THR B 301 -14.01 -20.10 -15.93
C THR B 301 -13.18 -18.93 -15.43
N LEU B 302 -13.72 -18.11 -14.54
CA LEU B 302 -13.01 -16.97 -13.97
C LEU B 302 -13.00 -17.07 -12.46
N PRO B 303 -11.98 -16.50 -11.80
CA PRO B 303 -11.88 -16.62 -10.35
C PRO B 303 -13.06 -15.98 -9.65
N PRO B 304 -13.60 -16.61 -8.60
CA PRO B 304 -14.76 -16.06 -7.91
C PRO B 304 -14.47 -14.79 -7.12
N VAL B 305 -13.44 -14.82 -6.28
CA VAL B 305 -13.16 -13.72 -5.36
C VAL B 305 -12.57 -12.54 -6.12
N PRO B 306 -12.67 -11.31 -5.59
CA PRO B 306 -12.06 -10.18 -6.27
C PRO B 306 -10.55 -10.31 -6.34
N ARG B 307 -9.97 -9.67 -7.35
CA ARG B 307 -8.52 -9.74 -7.54
C ARG B 307 -7.78 -9.03 -6.43
N GLY B 308 -6.79 -9.71 -5.86
CA GLY B 308 -5.96 -9.12 -4.82
C GLY B 308 -6.47 -9.24 -3.41
N PHE B 309 -7.54 -9.98 -3.16
CA PHE B 309 -8.04 -10.15 -1.81
C PHE B 309 -7.18 -11.17 -1.05
N CYS B 310 -7.15 -11.01 0.28
CA CYS B 310 -6.24 -11.80 1.10
C CYS B 310 -6.65 -13.27 1.12
N ASP B 311 -5.69 -14.13 1.49
CA ASP B 311 -5.91 -15.57 1.51
C ASP B 311 -5.29 -16.21 2.77
N TRP B 312 -5.25 -15.53 3.88
CA TRP B 312 -4.60 -16.06 5.05
C TRP B 312 -5.40 -17.20 5.60
N GLY B 313 -4.75 -18.27 6.04
CA GLY B 313 -5.43 -19.45 6.53
C GLY B 313 -5.84 -19.39 7.97
N SER B 314 -6.88 -20.10 8.37
CA SER B 314 -7.40 -19.99 9.74
C SER B 314 -7.64 -21.29 10.50
N GLY B 315 -7.89 -22.40 9.83
CA GLY B 315 -8.10 -23.66 10.52
C GLY B 315 -9.12 -24.56 9.86
N VAL B 316 -9.00 -25.88 10.06
CA VAL B 316 -10.06 -26.79 9.53
C VAL B 316 -11.30 -26.61 10.40
N LYS B 317 -12.24 -25.74 9.98
CA LYS B 317 -13.46 -25.47 10.79
C LYS B 317 -13.05 -25.04 12.20
N SER B 318 -12.29 -23.94 12.32
CA SER B 318 -11.86 -23.44 13.65
C SER B 318 -12.76 -22.27 14.08
N GLY B 319 -13.36 -22.36 15.27
CA GLY B 319 -14.28 -21.30 15.76
C GLY B 319 -13.68 -20.62 16.99
N ALA B 320 -14.25 -20.88 18.17
CA ALA B 320 -13.74 -20.28 19.43
C ALA B 320 -12.22 -20.16 19.36
N ARG B 321 -11.55 -21.23 18.91
CA ARG B 321 -10.06 -21.23 18.80
C ARG B 321 -9.56 -19.91 18.20
N GLN B 322 -9.84 -19.64 16.92
CA GLN B 322 -9.25 -18.43 16.28
C GLN B 322 -10.13 -17.84 15.17
N HIS B 323 -9.85 -16.61 14.76
CA HIS B 323 -10.59 -15.94 13.65
C HIS B 323 -9.65 -14.92 13.01
N LEU B 324 -10.16 -14.06 12.12
CA LEU B 324 -9.32 -13.00 11.51
C LEU B 324 -9.97 -11.63 11.82
N VAL B 325 -9.26 -10.53 11.59
CA VAL B 325 -9.79 -9.18 11.97
C VAL B 325 -9.87 -8.27 10.72
N CYS B 326 -10.68 -7.21 10.79
CA CYS B 326 -10.86 -6.29 9.68
C CYS B 326 -11.37 -4.92 10.09
N PHE B 327 -11.59 -3.98 9.18
CA PHE B 327 -12.22 -2.68 9.49
C PHE B 327 -13.54 -2.74 8.75
N THR B 328 -14.66 -2.19 9.26
CA THR B 328 -15.90 -2.46 8.55
C THR B 328 -16.88 -1.34 8.84
N GLY B 329 -17.54 -0.83 7.79
CA GLY B 329 -18.48 0.26 7.96
C GLY B 329 -19.60 0.19 6.94
N VAL B 330 -20.78 0.65 7.36
CA VAL B 330 -21.96 0.64 6.52
C VAL B 330 -21.91 1.83 5.56
N GLU B 331 -22.76 1.79 4.54
CA GLU B 331 -22.83 2.88 3.58
C GLU B 331 -23.41 4.13 4.24
N THR B 332 -23.10 5.28 3.63
CA THR B 332 -23.49 6.58 4.20
C THR B 332 -24.83 7.08 3.71
N ASP B 333 -25.55 6.28 2.91
CA ASP B 333 -26.84 6.67 2.32
C ASP B 333 -26.74 7.93 1.47
N ASN B 334 -25.56 8.25 0.96
CA ASN B 334 -25.35 9.43 0.14
C ASN B 334 -24.53 9.16 -1.12
N GLY B 335 -23.93 7.98 -1.24
CA GLY B 335 -23.08 7.68 -2.37
C GLY B 335 -21.69 8.25 -2.30
N GLU B 336 -21.33 8.90 -1.18
CA GLU B 336 -20.01 9.51 -1.04
C GLU B 336 -19.01 8.66 -0.28
N GLY B 337 -19.47 7.84 0.67
CA GLY B 337 -18.55 7.07 1.47
C GLY B 337 -19.19 6.16 2.49
N TYR B 338 -18.55 6.04 3.66
CA TYR B 338 -18.98 5.11 4.70
C TYR B 338 -18.96 5.81 6.04
N LYS B 339 -19.55 5.17 7.05
CA LYS B 339 -19.68 5.78 8.37
C LYS B 339 -19.43 4.73 9.44
N ASP B 340 -18.91 5.18 10.58
CA ASP B 340 -18.73 4.34 11.77
C ASP B 340 -17.91 3.09 11.47
N VAL B 341 -16.65 3.31 11.11
CA VAL B 341 -15.74 2.23 10.76
C VAL B 341 -15.03 1.77 12.02
N ASP B 342 -15.09 0.47 12.31
CA ASP B 342 -14.52 -0.09 13.51
C ASP B 342 -14.09 -1.53 13.22
N ALA B 343 -13.56 -2.18 14.26
CA ALA B 343 -12.96 -3.51 14.08
C ALA B 343 -13.97 -4.62 14.33
N HIS B 344 -13.85 -5.69 13.56
CA HIS B 344 -14.72 -6.86 13.69
C HIS B 344 -13.95 -8.11 13.29
N MET B 345 -14.48 -9.26 13.66
CA MET B 345 -13.90 -10.55 13.31
C MET B 345 -14.70 -11.19 12.19
N TRP B 346 -14.01 -11.92 11.32
CA TRP B 346 -14.63 -12.50 10.13
C TRP B 346 -13.95 -13.82 9.81
N ASP B 347 -14.59 -14.59 8.93
CA ASP B 347 -13.98 -15.81 8.42
C ASP B 347 -14.71 -16.24 7.15
N TYR B 348 -14.05 -17.13 6.40
CA TYR B 348 -14.59 -17.67 5.17
C TYR B 348 -15.65 -18.73 5.47
N GLY B 349 -16.66 -18.82 4.61
CA GLY B 349 -17.62 -19.91 4.72
C GLY B 349 -18.51 -19.74 5.92
N ASP B 350 -18.82 -20.87 6.57
CA ASP B 350 -19.67 -20.86 7.76
C ASP B 350 -19.16 -21.75 8.88
N ASP B 351 -18.01 -22.40 8.70
CA ASP B 351 -17.40 -23.26 9.72
C ASP B 351 -18.34 -24.38 10.17
N ALA B 352 -19.26 -24.77 9.29
CA ALA B 352 -20.18 -25.86 9.57
C ALA B 352 -20.03 -27.02 8.60
N THR B 353 -20.07 -26.75 7.30
CA THR B 353 -19.96 -27.79 6.28
C THR B 353 -18.53 -27.90 5.78
N ILE B 354 -18.10 -29.14 5.55
CA ILE B 354 -16.74 -29.39 5.11
C ILE B 354 -16.51 -28.86 3.70
N GLY B 355 -17.56 -28.79 2.88
CA GLY B 355 -17.40 -28.40 1.51
C GLY B 355 -17.15 -26.93 1.24
N LEU B 356 -17.45 -26.05 2.21
CA LEU B 356 -17.22 -24.63 1.98
C LEU B 356 -16.69 -23.91 3.22
N ASP B 357 -16.03 -24.60 4.15
CA ASP B 357 -15.45 -23.95 5.31
C ASP B 357 -14.12 -23.30 4.97
N ASN B 358 -13.24 -24.03 4.29
CA ASN B 358 -12.01 -23.50 3.71
C ASN B 358 -12.04 -23.80 2.22
N THR B 359 -12.69 -22.92 1.46
CA THR B 359 -12.87 -23.14 0.03
C THR B 359 -12.59 -21.92 -0.83
N TYR B 360 -12.22 -20.78 -0.25
CA TYR B 360 -11.86 -19.58 -1.00
C TYR B 360 -13.02 -19.14 -1.91
N GLN B 361 -14.23 -19.15 -1.36
CA GLN B 361 -15.44 -18.75 -2.07
C GLN B 361 -15.69 -17.27 -1.81
N ARG B 362 -16.84 -16.78 -2.30
CA ARG B 362 -17.22 -15.39 -2.07
C ARG B 362 -18.24 -15.23 -0.95
N GLN B 363 -18.38 -16.22 -0.08
CA GLN B 363 -19.29 -16.15 1.05
C GLN B 363 -18.51 -16.16 2.35
N ILE B 364 -18.80 -15.22 3.24
CA ILE B 364 -18.08 -15.06 4.50
C ILE B 364 -19.09 -14.83 5.62
N TYR B 365 -18.60 -14.90 6.86
CA TYR B 365 -19.41 -14.53 8.01
C TYR B 365 -18.61 -13.58 8.91
N ILE B 366 -19.34 -12.66 9.54
CA ILE B 366 -18.75 -11.58 10.33
C ILE B 366 -19.47 -11.51 11.67
N SER B 367 -18.71 -11.33 12.74
CA SER B 367 -19.25 -11.24 14.09
C SER B 367 -19.66 -9.81 14.39
N ASP B 368 -20.88 -9.63 14.89
CA ASP B 368 -21.42 -8.32 15.21
C ASP B 368 -22.52 -8.52 16.25
N PRO B 369 -22.42 -7.87 17.42
CA PRO B 369 -23.48 -8.02 18.42
C PRO B 369 -24.86 -7.62 17.92
N THR B 370 -24.95 -6.58 17.09
CA THR B 370 -26.22 -6.18 16.49
C THR B 370 -26.43 -6.93 15.18
N ALA B 371 -27.43 -6.54 14.41
CA ALA B 371 -27.77 -7.20 13.15
C ALA B 371 -27.44 -6.28 11.98
N LEU B 372 -26.92 -6.86 10.91
CA LEU B 372 -26.53 -6.07 9.74
C LEU B 372 -27.77 -5.60 8.98
N ASP B 373 -27.61 -4.48 8.28
CA ASP B 373 -28.69 -3.94 7.46
C ASP B 373 -28.74 -4.68 6.13
N SER B 374 -29.90 -5.22 5.80
CA SER B 374 -30.03 -6.07 4.62
C SER B 374 -29.92 -5.26 3.34
N GLY B 375 -29.12 -5.75 2.40
CA GLY B 375 -29.01 -5.13 1.10
C GLY B 375 -28.06 -3.95 1.01
N LYS B 376 -27.32 -3.65 2.08
CA LYS B 376 -26.40 -2.52 2.10
C LYS B 376 -24.98 -3.01 1.81
N ARG B 377 -24.14 -2.11 1.33
CA ARG B 377 -22.75 -2.43 1.02
C ARG B 377 -21.83 -1.97 2.12
N TYR B 378 -20.85 -2.80 2.45
CA TYR B 378 -19.88 -2.52 3.49
C TYR B 378 -18.47 -2.63 2.93
N ILE B 379 -17.54 -1.93 3.56
CA ILE B 379 -16.15 -1.90 3.14
C ILE B 379 -15.35 -2.83 4.06
N ILE B 380 -14.32 -3.46 3.50
CA ILE B 380 -13.47 -4.39 4.23
C ILE B 380 -12.02 -4.05 3.95
N ILE B 381 -11.25 -3.84 5.02
CA ILE B 381 -9.80 -3.66 4.95
C ILE B 381 -9.17 -4.62 5.96
N PRO B 382 -8.86 -5.86 5.57
CA PRO B 382 -8.39 -6.85 6.57
C PRO B 382 -6.98 -6.58 7.07
N MET B 383 -6.84 -6.38 8.39
CA MET B 383 -5.54 -6.15 9.02
C MET B 383 -5.57 -6.72 10.44
N GLY B 384 -5.06 -7.93 10.59
CA GLY B 384 -4.94 -8.56 11.90
C GLY B 384 -5.53 -9.96 11.92
N ALA B 385 -5.09 -10.72 12.93
CA ALA B 385 -5.59 -12.07 13.19
C ALA B 385 -5.82 -12.23 14.68
N SER B 386 -6.90 -12.93 15.03
CA SER B 386 -7.34 -13.01 16.41
C SER B 386 -7.33 -14.46 16.90
N GLY B 387 -7.84 -14.64 18.13
CA GLY B 387 -7.96 -15.94 18.74
C GLY B 387 -6.64 -16.62 19.04
N SER B 388 -6.53 -17.89 18.63
CA SER B 388 -5.33 -18.69 18.86
C SER B 388 -4.52 -18.91 17.57
N ALA B 389 -4.47 -17.91 16.70
CA ALA B 389 -3.81 -18.06 15.40
C ALA B 389 -2.31 -17.86 15.56
N THR B 390 -1.54 -18.91 15.26
CA THR B 390 -0.09 -18.83 15.27
C THR B 390 0.43 -18.60 13.85
N ASP B 391 1.75 -18.68 13.68
CA ASP B 391 2.35 -18.48 12.36
C ASP B 391 2.01 -19.63 11.42
N ASP B 392 1.97 -20.86 11.92
CA ASP B 392 1.70 -22.01 11.06
C ASP B 392 0.32 -21.96 10.43
N THR B 393 -0.70 -21.56 11.20
CA THR B 393 -2.05 -21.50 10.66
C THR B 393 -2.19 -20.41 9.61
N LEU B 394 -1.43 -19.31 9.75
CA LEU B 394 -1.47 -18.26 8.74
C LEU B 394 -0.66 -18.64 7.51
N GLN B 395 0.38 -19.46 7.66
CA GLN B 395 1.19 -19.83 6.51
C GLN B 395 0.40 -20.63 5.49
N ILE B 396 -0.37 -21.62 5.96
CA ILE B 396 -1.17 -22.41 5.03
C ILE B 396 -2.34 -21.56 4.52
N SER B 397 -2.88 -21.95 3.37
CA SER B 397 -3.94 -21.18 2.74
C SER B 397 -5.16 -22.05 2.49
N PRO B 398 -6.35 -21.45 2.41
CA PRO B 398 -7.56 -22.25 2.15
C PRO B 398 -7.52 -22.89 0.77
N ASN B 399 -8.10 -24.08 0.68
CA ASN B 399 -8.15 -24.82 -0.58
C ASN B 399 -9.08 -24.13 -1.56
N CYS B 400 -8.89 -24.42 -2.85
CA CYS B 400 -9.75 -23.89 -3.90
C CYS B 400 -10.17 -25.02 -4.83
N TYR B 401 -11.45 -25.04 -5.20
CA TYR B 401 -11.96 -26.04 -6.13
C TYR B 401 -12.68 -25.33 -7.26
N GLY B 402 -12.78 -26.01 -8.39
CA GLY B 402 -13.55 -25.50 -9.51
C GLY B 402 -12.87 -25.84 -10.83
N SER B 403 -13.18 -25.04 -11.85
CA SER B 403 -12.59 -25.19 -13.16
C SER B 403 -11.75 -23.99 -13.59
N TRP B 404 -11.78 -22.90 -12.84
CA TRP B 404 -10.98 -21.73 -13.17
C TRP B 404 -9.50 -22.02 -12.96
N ASP B 405 -8.66 -21.19 -13.58
CA ASP B 405 -7.22 -21.40 -13.60
C ASP B 405 -6.62 -20.83 -12.32
N TYR B 406 -6.26 -21.73 -11.41
CA TYR B 406 -5.61 -21.33 -10.16
C TYR B 406 -4.16 -21.84 -10.14
N ALA B 407 -3.34 -21.20 -9.31
CA ALA B 407 -1.93 -21.53 -9.25
C ALA B 407 -1.74 -22.85 -8.51
N PRO B 408 -0.91 -23.75 -9.04
CA PRO B 408 -0.68 -25.05 -8.39
C PRO B 408 0.21 -24.90 -7.16
N THR B 409 0.45 -26.04 -6.51
CA THR B 409 1.29 -26.09 -5.31
C THR B 409 2.66 -26.62 -5.71
N ILE B 410 3.70 -25.81 -5.47
CA ILE B 410 5.06 -26.15 -5.87
C ILE B 410 5.75 -26.88 -4.73
N ALA B 411 6.85 -27.56 -5.06
CA ALA B 411 7.71 -28.20 -4.09
C ALA B 411 9.16 -27.97 -4.48
N PRO B 412 10.05 -27.76 -3.52
CA PRO B 412 11.46 -27.52 -3.85
C PRO B 412 12.16 -28.82 -4.22
N PRO B 413 13.26 -28.75 -4.96
CA PRO B 413 14.05 -29.95 -5.22
C PRO B 413 14.64 -30.52 -3.95
N LEU B 414 14.85 -31.83 -3.95
CA LEU B 414 15.38 -32.52 -2.77
C LEU B 414 16.72 -31.94 -2.37
N GLY B 415 16.84 -31.55 -1.11
CA GLY B 415 18.08 -31.00 -0.59
C GLY B 415 18.18 -29.49 -0.58
N GLU B 416 17.07 -28.78 -0.74
CA GLU B 416 17.07 -27.32 -0.78
C GLU B 416 15.90 -26.77 0.00
N GLN B 417 15.99 -25.48 0.34
CA GLN B 417 14.98 -24.77 1.12
C GLN B 417 14.53 -23.53 0.36
N ILE B 418 13.63 -22.75 0.97
CA ILE B 418 13.07 -21.56 0.25
C ILE B 418 13.12 -20.31 1.14
N VAL B 419 13.49 -19.15 0.58
CA VAL B 419 13.45 -17.89 1.35
C VAL B 419 11.99 -17.44 1.45
N TRP B 420 11.60 -16.73 2.51
CA TRP B 420 10.15 -16.42 2.68
C TRP B 420 9.88 -14.92 2.89
N PHE B 421 10.87 -14.05 2.70
CA PHE B 421 10.63 -12.58 2.82
C PHE B 421 9.72 -12.34 4.02
N ARG B 422 10.17 -12.72 5.22
CA ARG B 422 9.30 -12.63 6.42
C ARG B 422 9.06 -11.19 6.85
N SER B 423 7.89 -10.90 7.44
CA SER B 423 7.58 -9.55 7.96
C SER B 423 6.96 -9.66 9.36
N TYR B 424 6.54 -8.55 9.95
CA TYR B 424 5.95 -8.52 11.29
C TYR B 424 4.56 -7.89 11.25
N LEU B 425 3.57 -8.58 11.82
CA LEU B 425 2.19 -8.12 11.83
C LEU B 425 1.74 -7.85 13.26
N PRO B 426 1.49 -6.59 13.62
CA PRO B 426 1.09 -6.27 15.01
C PRO B 426 -0.37 -6.56 15.29
N ALA B 427 -0.85 -6.17 16.46
CA ALA B 427 -2.18 -6.49 16.94
C ALA B 427 -3.06 -5.25 17.03
N SER B 428 -4.38 -5.47 16.98
CA SER B 428 -5.38 -4.41 17.13
C SER B 428 -6.61 -5.03 17.79
N SER B 429 -6.89 -4.63 19.03
CA SER B 429 -7.92 -5.25 19.84
C SER B 429 -9.06 -4.27 20.13
N THR B 430 -10.03 -4.73 20.94
CA THR B 430 -11.17 -3.86 21.32
C THR B 430 -11.51 -4.12 22.77
N SER B 431 -11.39 -3.09 23.62
CA SER B 431 -11.66 -3.26 25.07
C SER B 431 -13.18 -3.19 25.33
N ALA B 432 -13.89 -4.31 25.16
CA ALA B 432 -15.35 -4.35 25.39
C ALA B 432 -15.79 -5.79 25.64
N SER B 433 -16.99 -5.98 26.20
CA SER B 433 -17.51 -7.34 26.45
C SER B 433 -17.44 -8.16 25.16
N SER B 434 -16.98 -9.42 25.25
CA SER B 434 -16.81 -10.27 24.04
C SER B 434 -16.20 -9.43 22.91
N GLY B 435 -15.03 -8.83 23.15
CA GLY B 435 -14.38 -7.97 22.13
C GLY B 435 -13.50 -8.78 21.20
N VAL B 436 -12.39 -8.20 20.75
CA VAL B 436 -11.50 -8.90 19.77
C VAL B 436 -10.20 -9.32 20.49
N ASN B 437 -10.12 -10.58 20.92
CA ASN B 437 -8.88 -11.09 21.57
C ASN B 437 -7.87 -11.48 20.48
N SER B 438 -7.05 -10.53 20.03
CA SER B 438 -6.10 -10.81 18.92
C SER B 438 -4.66 -10.79 19.44
N VAL B 439 -3.71 -11.24 18.61
CA VAL B 439 -2.32 -11.30 19.02
C VAL B 439 -1.43 -10.96 17.83
N SER B 440 -0.17 -10.63 18.14
CA SER B 440 0.81 -10.34 17.12
C SER B 440 1.26 -11.63 16.43
N ALA B 441 1.82 -11.48 15.24
CA ALA B 441 2.25 -12.64 14.46
C ALA B 441 3.23 -12.20 13.39
N HIS B 442 3.58 -13.12 12.50
CA HIS B 442 4.45 -12.85 11.37
C HIS B 442 3.76 -13.32 10.09
N ILE B 443 4.16 -12.74 8.97
CA ILE B 443 3.59 -13.04 7.67
C ILE B 443 4.73 -13.22 6.67
N SER B 444 4.53 -14.10 5.69
CA SER B 444 5.55 -14.46 4.74
C SER B 444 5.00 -14.47 3.32
N SER B 445 5.90 -14.27 2.36
CA SER B 445 5.57 -14.28 0.94
C SER B 445 6.53 -15.19 0.20
N LEU B 446 6.46 -15.17 -1.13
CA LEU B 446 7.37 -15.98 -1.93
C LEU B 446 8.29 -15.12 -2.77
N MET B 447 7.74 -14.11 -3.45
CA MET B 447 8.53 -13.24 -4.32
C MET B 447 7.83 -11.89 -4.44
N SER B 448 8.63 -10.83 -4.39
CA SER B 448 8.10 -9.50 -4.60
C SER B 448 8.27 -9.06 -6.05
N PRO B 449 7.32 -8.31 -6.60
CA PRO B 449 7.40 -7.93 -8.02
C PRO B 449 8.61 -7.09 -8.37
N ASP B 450 9.17 -6.35 -7.41
CA ASP B 450 10.28 -5.44 -7.73
C ASP B 450 11.52 -6.20 -8.18
N LEU B 451 11.78 -7.36 -7.58
CA LEU B 451 12.97 -8.13 -7.93
C LEU B 451 12.82 -8.78 -9.31
N ILE B 452 11.62 -9.25 -9.65
CA ILE B 452 11.44 -10.05 -10.85
C ILE B 452 11.00 -9.24 -12.06
N ARG B 453 10.52 -8.01 -11.88
CA ARG B 453 10.09 -7.23 -13.04
C ARG B 453 11.28 -6.77 -13.87
N SER B 454 12.49 -6.89 -13.33
CA SER B 454 13.68 -6.51 -14.09
C SER B 454 14.05 -7.55 -15.15
N ALA B 455 13.74 -8.82 -14.90
CA ALA B 455 14.17 -9.89 -15.80
C ALA B 455 13.45 -9.88 -17.13
N TYR B 456 12.34 -9.12 -17.25
CA TYR B 456 11.55 -9.14 -18.47
C TYR B 456 12.28 -8.52 -19.66
N VAL B 457 13.32 -7.73 -19.43
CA VAL B 457 14.08 -7.14 -20.54
C VAL B 457 14.77 -8.24 -21.34
N SER B 458 15.40 -9.19 -20.66
CA SER B 458 16.07 -10.32 -21.29
C SER B 458 15.67 -11.59 -20.54
N GLY B 459 14.83 -12.41 -21.17
CA GLY B 459 14.31 -13.58 -20.50
C GLY B 459 15.38 -14.64 -20.26
N PHE B 460 15.04 -15.58 -19.39
CA PHE B 460 15.94 -16.67 -19.09
C PHE B 460 16.16 -17.54 -20.33
N PRO B 461 17.38 -17.99 -20.59
CA PRO B 461 17.60 -18.95 -21.68
C PRO B 461 16.93 -20.28 -21.35
N GLU B 462 16.65 -21.03 -22.42
CA GLU B 462 15.87 -22.26 -22.29
C GLU B 462 16.52 -23.24 -21.32
N GLY B 463 15.73 -23.66 -20.31
CA GLY B 463 16.16 -24.65 -19.33
C GLY B 463 17.43 -24.22 -18.61
N LYS B 464 17.32 -23.11 -17.88
CA LYS B 464 18.46 -22.55 -17.18
C LYS B 464 17.99 -21.80 -15.93
N ALA B 465 18.76 -21.90 -14.86
CA ALA B 465 18.54 -21.14 -13.64
C ALA B 465 19.67 -20.14 -13.42
N ALA B 466 19.44 -19.18 -12.53
CA ALA B 466 20.40 -18.12 -12.29
C ALA B 466 21.03 -18.27 -10.91
N LEU B 467 22.32 -17.96 -10.81
CA LEU B 467 23.04 -17.98 -9.55
C LEU B 467 23.24 -16.54 -9.09
N LEU B 468 22.79 -16.24 -7.87
CA LEU B 468 22.79 -14.87 -7.35
C LEU B 468 23.70 -14.77 -6.14
N ASP B 469 24.40 -13.66 -6.03
CA ASP B 469 25.23 -13.33 -4.87
C ASP B 469 24.52 -12.26 -4.04
N TYR B 470 24.37 -12.51 -2.75
CA TYR B 470 23.79 -11.56 -1.82
C TYR B 470 24.91 -11.03 -0.93
N VAL B 471 25.18 -9.73 -1.03
CA VAL B 471 26.31 -9.09 -0.37
C VAL B 471 25.77 -8.26 0.80
N LEU B 472 26.24 -8.58 2.01
CA LEU B 472 25.70 -7.96 3.22
C LEU B 472 26.42 -6.68 3.61
N TYR B 473 27.71 -6.85 3.97
CA TYR B 473 28.55 -5.70 4.33
C TYR B 473 29.81 -5.71 3.48
N GLY B 474 30.05 -4.64 2.74
CA GLY B 474 31.27 -4.55 1.97
C GLY B 474 31.50 -5.75 1.09
N GLY B 475 32.47 -6.59 1.47
CA GLY B 475 32.68 -7.85 0.80
C GLY B 475 33.02 -8.94 1.81
N SER B 476 32.73 -8.67 3.08
CA SER B 476 33.11 -9.59 4.14
C SER B 476 32.37 -10.92 4.04
N VAL B 477 31.05 -10.86 3.88
CA VAL B 477 30.21 -12.05 3.85
C VAL B 477 29.34 -11.99 2.60
N VAL B 478 29.31 -13.09 1.85
CA VAL B 478 28.54 -13.21 0.61
C VAL B 478 27.77 -14.52 0.67
N GLU B 479 26.48 -14.48 0.33
CA GLU B 479 25.64 -15.67 0.29
C GLU B 479 25.32 -16.04 -1.14
N GLN B 480 25.15 -17.34 -1.38
CA GLN B 480 24.86 -17.88 -2.71
C GLN B 480 23.43 -18.38 -2.76
N PHE B 481 22.65 -17.88 -3.71
CA PHE B 481 21.27 -18.29 -3.89
C PHE B 481 21.05 -18.74 -5.33
N LYS B 482 20.00 -19.53 -5.55
CA LYS B 482 19.63 -19.99 -6.88
C LYS B 482 18.20 -19.57 -7.17
N MET B 483 18.00 -18.91 -8.29
CA MET B 483 16.67 -18.47 -8.73
C MET B 483 16.24 -19.29 -9.94
N TYR B 484 15.03 -19.84 -9.85
CA TYR B 484 14.42 -20.57 -10.95
C TYR B 484 13.46 -19.67 -11.71
N ARG B 485 12.99 -20.18 -12.85
CA ARG B 485 12.09 -19.41 -13.71
C ARG B 485 10.62 -19.57 -13.33
N GLU B 486 10.32 -20.38 -12.32
CA GLU B 486 8.94 -20.63 -11.91
C GLU B 486 8.47 -19.69 -10.80
N GLY B 487 9.34 -18.83 -10.27
CA GLY B 487 8.90 -17.85 -9.30
C GLY B 487 9.69 -17.84 -8.01
N TYR B 488 10.08 -19.03 -7.54
CA TYR B 488 10.74 -19.13 -6.21
C TYR B 488 12.25 -19.15 -6.33
N LEU B 489 12.94 -18.78 -5.25
CA LEU B 489 14.43 -18.87 -5.23
C LEU B 489 14.82 -19.83 -4.10
N THR B 490 15.93 -20.54 -4.25
CA THR B 490 16.28 -21.56 -3.23
C THR B 490 17.60 -21.24 -2.57
N ALA B 491 17.93 -21.98 -1.51
CA ALA B 491 19.22 -21.81 -0.81
C ALA B 491 19.68 -23.19 -0.33
N ASN B 492 20.93 -23.55 -0.59
CA ASN B 492 21.36 -24.91 -0.24
C ASN B 492 21.29 -25.20 1.22
N ALA B 493 21.10 -26.46 1.57
CA ALA B 493 21.01 -26.87 2.95
C ALA B 493 20.48 -28.28 3.04
N GLY B 499 19.02 -23.02 8.24
CA GLY B 499 17.76 -22.51 8.82
C GLY B 499 18.03 -21.39 9.80
N PHE B 500 17.89 -20.14 9.35
CA PHE B 500 18.18 -18.97 10.21
C PHE B 500 17.49 -17.73 9.66
N ILE B 501 18.01 -16.55 10.02
CA ILE B 501 17.44 -15.28 9.49
C ILE B 501 18.60 -14.44 8.93
N ILE B 502 18.45 -13.94 7.69
CA ILE B 502 19.51 -13.09 7.08
C ILE B 502 19.07 -11.62 7.20
N PRO B 503 19.94 -10.68 7.62
CA PRO B 503 19.57 -9.26 7.67
C PRO B 503 19.12 -8.77 6.30
N PRO B 504 18.26 -7.74 6.26
CA PRO B 504 17.73 -7.28 4.97
C PRO B 504 18.52 -6.18 4.28
N ASP B 505 19.62 -5.71 4.86
CA ASP B 505 20.40 -4.62 4.25
C ASP B 505 21.52 -5.22 3.40
N GLY B 506 21.33 -5.24 2.10
CA GLY B 506 22.33 -5.79 1.21
C GLY B 506 21.84 -5.64 -0.21
N TYR B 507 22.58 -6.12 -1.19
CA TYR B 507 22.19 -5.94 -2.56
C TYR B 507 22.44 -7.19 -3.33
N PHE B 508 21.65 -7.45 -4.37
CA PHE B 508 21.79 -8.69 -5.12
C PHE B 508 22.77 -8.55 -6.27
N ARG B 509 23.34 -9.64 -6.71
CA ARG B 509 24.30 -9.62 -7.80
C ARG B 509 24.10 -10.82 -8.71
N PHE B 510 24.24 -10.59 -10.01
CA PHE B 510 24.11 -11.64 -11.00
C PHE B 510 25.47 -12.30 -11.21
N ASN B 511 25.55 -13.60 -10.92
CA ASN B 511 26.81 -14.32 -11.03
C ASN B 511 26.94 -15.03 -12.37
N SER B 512 26.05 -15.97 -12.65
CA SER B 512 26.14 -16.78 -13.86
C SER B 512 24.85 -17.59 -14.03
N TRP B 513 24.81 -18.37 -15.11
CA TRP B 513 23.71 -19.28 -15.38
C TRP B 513 24.16 -20.71 -15.11
N VAL B 514 23.33 -21.48 -14.40
CA VAL B 514 23.63 -22.86 -14.08
C VAL B 514 22.45 -23.72 -14.52
N SER B 515 22.71 -25.03 -14.61
CA SER B 515 21.68 -25.97 -15.03
C SER B 515 20.93 -26.49 -13.83
N PRO B 516 19.58 -26.62 -13.94
CA PRO B 516 18.74 -27.11 -12.85
C PRO B 516 19.07 -28.54 -12.45
C1 GLA C . -20.80 22.16 15.71
C2 GLA C . -20.01 21.77 14.47
C3 GLA C . -18.67 22.40 14.52
C4 GLA C . -18.85 23.88 14.57
C5 GLA C . -19.67 24.34 15.77
C6 GLA C . -19.94 25.81 15.67
O1 GLA C . -20.12 21.72 16.79
O2 GLA C . -19.81 20.35 14.55
O3 GLA C . -17.93 22.13 13.26
O4 GLA C . -19.54 24.28 13.38
O5 GLA C . -20.97 23.64 15.83
O6 GLA C . -19.17 26.31 14.62
C1 FUC C . -20.09 19.79 13.29
C2 FUC C . -19.69 18.37 13.33
C3 FUC C . -20.62 17.58 14.08
C4 FUC C . -21.98 17.68 13.53
C5 FUC C . -22.50 19.13 13.67
C6 FUC C . -23.78 19.24 13.05
O2 FUC C . -18.41 18.28 14.05
O3 FUC C . -20.14 16.19 14.06
O4 FUC C . -21.95 17.35 12.15
O5 FUC C . -21.51 20.04 12.95
O5 A2G C . -16.82 20.92 11.78
C1 A2G C . -17.12 20.95 13.20
C2 A2G C . -15.82 21.15 13.89
N2 A2G C . -15.88 20.81 15.39
C3 A2G C . -15.30 22.48 13.62
O3 A2G C . -13.96 22.55 14.19
C4 A2G C . -15.16 22.65 12.18
O4 A2G C . -14.24 21.65 11.77
C5 A2G C . -16.46 22.36 11.40
C6 A2G C . -16.27 22.50 10.02
O6 A2G C . -17.34 23.25 9.51
C7 A2G C . -14.72 20.26 16.13
O7 A2G C . -14.81 19.99 17.27
C8 A2G C . -13.37 20.02 15.44
C1 GLA D . -16.26 -15.02 25.98
C2 GLA D . -15.08 -14.98 25.02
C3 GLA D . -15.42 -15.80 23.84
C4 GLA D . -15.59 -17.20 24.29
C5 GLA D . -16.71 -17.34 25.33
C6 GLA D . -16.70 -18.74 25.87
O1 GLA D . -17.35 -14.57 25.29
O2 GLA D . -14.86 -13.62 24.59
O3 GLA D . -14.26 -15.81 22.92
O4 GLA D . -14.36 -17.60 24.89
O5 GLA D . -16.54 -16.41 26.45
O6 GLA D . -15.86 -19.52 25.05
C1 FUC D . -13.48 -13.35 24.68
C2 FUC D . -13.22 -11.93 24.36
C3 FUC D . -13.42 -11.04 25.48
C4 FUC D . -12.71 -11.50 26.69
C5 FUC D . -13.25 -12.87 27.13
C6 FUC D . -12.56 -13.30 28.30
O2 FUC D . -14.11 -11.52 23.26
O3 FUC D . -12.86 -9.71 25.15
O4 FUC D . -11.34 -11.65 26.34
O5 FUC D . -12.99 -13.84 25.98
O5 A2G D . -12.84 -14.97 21.47
C1 A2G D . -14.22 -14.81 21.90
C2 A2G D . -15.03 -15.22 20.73
N2 A2G D . -16.48 -14.70 20.82
C3 A2G D . -14.95 -16.65 20.51
O3 A2G D . -15.56 -16.90 19.20
C4 A2G D . -13.54 -17.08 20.41
O4 A2G D . -13.07 -16.61 19.16
C5 A2G D . -12.60 -16.49 21.49
C6 A2G D . -11.25 -16.79 21.24
O6 A2G D . -10.93 -17.93 21.98
C7 A2G D . -17.22 -14.21 19.64
O7 A2G D . -18.31 -13.80 19.73
C8 A2G D . -16.57 -14.21 18.24
#